data_6JAU
#
_entry.id   6JAU
#
_cell.length_a   71.907
_cell.length_b   186.429
_cell.length_c   50.628
_cell.angle_alpha   90.00
_cell.angle_beta   90.00
_cell.angle_gamma   90.00
#
_symmetry.space_group_name_H-M   'C 2 2 21'
#
loop_
_entity.id
_entity.type
_entity.pdbx_description
1 polymer 'Sigma factor AlgU regulatory protein MucB'
2 polymer 'Sigma factor AlgU negative regulatory protein'
3 non-polymer 'CALCIUM ION'
4 non-polymer GLYCEROL
5 non-polymer 'HEXAETHYLENE GLYCOL'
6 water water
#
loop_
_entity_poly.entity_id
_entity_poly.type
_entity_poly.pdbx_seq_one_letter_code
_entity_poly.pdbx_strand_id
1 'polypeptide(L)'
;ADASDWLNRLAEADRQNSFQGTFVYERNGSFSTHEIWHRVESDGAVRERLLQLDGARQEVVRVDGRTQCISGGLADQLAD
AQLWPVRKFDPSQLASWYDLRLVGESRVAGRPAVVLAVTPRDQHRYGFELHLDRDTGLPLKSLLLNEKGQLLERFQFTQL
NTGAAPAEDQLQAGAECQVVGPAKADGEKTVAWRSEWLPPGFTLTRSFMRRSPVTPDPVACLTYGDGLARFSVFIEPLHG
AMVGDARSQLGPTVVVSKRLQTDDGGQMVTVVGEVPLGTAERVALSIRPEAAAQKLEHHHHHH
;
A
2 'polypeptide(L)'
;YNQNDALPQMAQQGTTPQIALPQVKGPAVLAGYSEEQGAPQVITNSSSSDTRWHEQRLPIYLRQHVQQSAVSGTESALPY
ARAASLENRLEHHHHHH
;
B
#
# COMPACT_ATOMS: atom_id res chain seq x y z
N ALA A 1 17.09 -7.31 20.68
CA ALA A 1 17.03 -8.10 19.48
C ALA A 1 17.93 -7.67 18.39
N ASP A 2 18.71 -8.60 17.83
CA ASP A 2 19.47 -8.27 16.66
C ASP A 2 18.40 -7.99 15.56
N ALA A 3 17.27 -8.68 15.57
CA ALA A 3 16.21 -8.46 14.58
C ALA A 3 15.69 -7.02 14.67
N SER A 4 15.54 -6.54 15.88
CA SER A 4 15.17 -5.18 16.13
C SER A 4 16.23 -4.24 15.56
N ASP A 5 17.48 -4.59 15.75
CA ASP A 5 18.58 -3.80 15.25
C ASP A 5 18.50 -3.73 13.72
N TRP A 6 18.24 -4.84 13.09
CA TRP A 6 18.12 -4.85 11.63
C TRP A 6 16.96 -3.96 11.14
N LEU A 7 15.84 -4.03 11.84
CA LEU A 7 14.70 -3.21 11.50
C LEU A 7 15.01 -1.72 11.68
N ASN A 8 15.72 -1.40 12.74
CA ASN A 8 16.15 -0.06 12.97
C ASN A 8 17.06 0.39 11.83
N ARG A 9 17.94 -0.49 11.42
CA ARG A 9 18.86 -0.24 10.34
C ARG A 9 18.10 -0.02 8.99
N LEU A 10 17.11 -0.86 8.75
CA LEU A 10 16.28 -0.75 7.60
C LEU A 10 15.54 0.58 7.62
N ALA A 11 15.09 0.98 8.79
CA ALA A 11 14.37 2.21 8.96
C ALA A 11 15.16 3.43 8.55
N GLU A 12 16.46 3.45 8.76
CA GLU A 12 17.27 4.61 8.42
C GLU A 12 18.10 4.47 7.17
N ALA A 13 18.01 3.33 6.52
CA ALA A 13 18.80 3.07 5.34
C ALA A 13 18.58 4.09 4.24
N ASP A 14 17.37 4.57 4.13
CA ASP A 14 17.00 5.53 3.13
C ASP A 14 17.76 6.84 3.24
N ARG A 15 18.07 7.27 4.43
CA ARG A 15 18.80 8.51 4.61
C ARG A 15 20.32 8.37 4.72
N GLN A 16 20.81 7.16 4.83
CA GLN A 16 22.22 6.93 4.91
C GLN A 16 22.94 6.37 3.69
N ASN A 17 22.20 6.11 2.62
CA ASN A 17 22.73 5.58 1.39
C ASN A 17 22.12 6.21 0.11
N SER A 18 22.97 6.39 -0.86
CA SER A 18 22.64 6.82 -2.17
C SER A 18 22.86 5.58 -3.05
N PHE A 19 21.94 5.34 -3.93
CA PHE A 19 21.98 4.17 -4.75
C PHE A 19 21.12 4.23 -6.03
N GLN A 20 21.39 3.26 -6.88
CA GLN A 20 20.68 2.97 -8.10
C GLN A 20 20.45 1.45 -8.15
N GLY A 21 19.33 1.06 -8.66
CA GLY A 21 19.00 -0.32 -8.82
C GLY A 21 17.79 -0.57 -9.69
N THR A 22 17.58 -1.85 -9.98
CA THR A 22 16.46 -2.35 -10.71
C THR A 22 15.85 -3.50 -9.91
N PHE A 23 14.53 -3.51 -9.91
CA PHE A 23 13.79 -4.50 -9.23
C PHE A 23 12.55 -4.98 -9.97
N VAL A 24 12.10 -6.13 -9.55
CA VAL A 24 10.94 -6.78 -10.06
C VAL A 24 9.80 -6.79 -9.00
N TYR A 25 8.60 -6.58 -9.45
CA TYR A 25 7.46 -6.71 -8.63
C TYR A 25 6.54 -7.69 -9.35
N GLU A 26 6.21 -8.76 -8.66
CA GLU A 26 5.38 -9.80 -9.16
C GLU A 26 4.28 -10.23 -8.18
N ARG A 27 3.14 -10.43 -8.76
CA ARG A 27 1.96 -10.95 -8.10
C ARG A 27 1.12 -11.74 -9.16
N ASN A 28 0.12 -12.42 -8.69
CA ASN A 28 -0.71 -13.16 -9.58
C ASN A 28 -1.24 -12.14 -10.57
N GLY A 29 -0.99 -12.41 -11.81
CA GLY A 29 -1.44 -11.59 -12.89
C GLY A 29 -0.59 -10.39 -13.29
N SER A 30 0.53 -10.21 -12.63
CA SER A 30 1.36 -9.11 -12.99
C SER A 30 2.83 -9.34 -12.74
N PHE A 31 3.63 -9.02 -13.73
CA PHE A 31 5.06 -9.08 -13.63
C PHE A 31 5.59 -7.78 -14.20
N SER A 32 6.34 -7.04 -13.42
CA SER A 32 6.86 -5.80 -13.90
C SER A 32 8.27 -5.50 -13.35
N THR A 33 9.04 -4.74 -14.08
CA THR A 33 10.36 -4.36 -13.70
C THR A 33 10.48 -2.84 -13.59
N HIS A 34 11.26 -2.39 -12.61
CA HIS A 34 11.41 -0.99 -12.31
C HIS A 34 12.84 -0.57 -11.99
N GLU A 35 13.13 0.70 -12.19
CA GLU A 35 14.40 1.28 -11.86
C GLU A 35 14.19 2.34 -10.77
N ILE A 36 15.16 2.41 -9.90
CA ILE A 36 15.17 3.40 -8.83
C ILE A 36 16.52 4.13 -8.73
N TRP A 37 16.48 5.45 -8.61
CA TRP A 37 17.63 6.29 -8.39
C TRP A 37 17.31 7.05 -7.07
N HIS A 38 18.23 6.97 -6.12
CA HIS A 38 18.01 7.51 -4.82
C HIS A 38 19.27 8.25 -4.35
N ARG A 39 19.18 9.54 -4.13
CA ARG A 39 20.29 10.30 -3.67
C ARG A 39 20.04 11.04 -2.37
N VAL A 40 20.98 10.92 -1.46
CA VAL A 40 20.87 11.61 -0.24
C VAL A 40 21.67 12.93 -0.46
N GLU A 41 20.96 14.04 -0.41
CA GLU A 41 21.57 15.34 -0.61
C GLU A 41 22.47 15.75 0.58
N SER A 42 23.24 16.81 0.36
CA SER A 42 24.21 17.30 1.35
C SER A 42 23.56 17.78 2.66
N ASP A 43 22.29 18.13 2.59
CA ASP A 43 21.55 18.47 3.79
C ASP A 43 20.75 17.28 4.40
N GLY A 44 20.93 16.11 3.83
CA GLY A 44 20.25 14.92 4.27
C GLY A 44 18.88 14.65 3.64
N ALA A 45 18.39 15.54 2.81
CA ALA A 45 17.14 15.35 2.13
C ALA A 45 17.29 14.18 1.11
N VAL A 46 16.24 13.41 0.92
CA VAL A 46 16.28 12.31 -0.01
C VAL A 46 15.57 12.71 -1.32
N ARG A 47 16.22 12.53 -2.46
CA ARG A 47 15.62 12.78 -3.74
C ARG A 47 15.57 11.42 -4.41
N GLU A 48 14.41 11.02 -4.84
CA GLU A 48 14.24 9.74 -5.43
C GLU A 48 13.32 9.72 -6.67
N ARG A 49 13.71 8.94 -7.64
CA ARG A 49 12.97 8.73 -8.87
C ARG A 49 12.75 7.21 -9.08
N LEU A 50 11.53 6.85 -9.40
CA LEU A 50 11.12 5.50 -9.67
C LEU A 50 10.55 5.45 -11.10
N LEU A 51 11.00 4.51 -11.90
CA LEU A 51 10.55 4.39 -13.25
C LEU A 51 10.22 2.96 -13.68
N GLN A 52 9.04 2.75 -14.21
CA GLN A 52 8.66 1.45 -14.73
C GLN A 52 9.39 1.24 -16.06
N LEU A 53 10.04 0.12 -16.14
CA LEU A 53 10.84 -0.24 -17.27
C LEU A 53 10.20 -1.03 -18.44
N ASP A 54 9.16 -1.74 -18.12
CA ASP A 54 8.45 -2.53 -19.10
C ASP A 54 7.04 -2.01 -19.30
N GLY A 55 6.62 -1.98 -20.53
CA GLY A 55 5.34 -1.41 -20.84
C GLY A 55 5.38 0.10 -20.76
N ALA A 56 4.31 0.67 -20.27
CA ALA A 56 4.21 2.11 -20.14
C ALA A 56 5.25 2.70 -19.20
N ARG A 57 5.60 3.91 -19.49
CA ARG A 57 6.55 4.64 -18.74
C ARG A 57 5.97 5.33 -17.48
N GLN A 58 5.55 4.58 -16.51
CA GLN A 58 5.07 5.12 -15.28
C GLN A 58 6.25 5.62 -14.42
N GLU A 59 6.04 6.68 -13.70
CA GLU A 59 7.12 7.30 -13.02
C GLU A 59 6.63 8.19 -11.86
N VAL A 60 7.48 8.30 -10.85
CA VAL A 60 7.28 9.17 -9.73
C VAL A 60 8.63 9.75 -9.27
N VAL A 61 8.61 11.00 -8.89
CA VAL A 61 9.75 11.62 -8.30
C VAL A 61 9.31 12.18 -6.95
N ARG A 62 10.11 11.92 -5.93
CA ARG A 62 9.86 12.40 -4.60
C ARG A 62 11.09 13.15 -4.05
N VAL A 63 10.85 14.22 -3.32
CA VAL A 63 11.91 15.02 -2.72
C VAL A 63 11.55 15.15 -1.29
N ASP A 64 12.32 14.46 -0.49
CA ASP A 64 12.20 14.40 0.93
C ASP A 64 10.84 14.10 1.42
N GLY A 65 10.26 13.08 0.84
CA GLY A 65 8.96 12.55 1.10
C GLY A 65 7.78 13.09 0.29
N ARG A 66 7.92 14.23 -0.31
CA ARG A 66 6.86 14.78 -1.08
C ARG A 66 6.93 14.39 -2.57
N THR A 67 5.79 14.13 -3.14
CA THR A 67 5.72 13.78 -4.53
C THR A 67 5.87 15.05 -5.35
N GLN A 68 6.94 15.13 -6.11
CA GLN A 68 7.20 16.20 -7.03
C GLN A 68 6.38 16.08 -8.32
N CYS A 69 6.41 14.88 -8.89
CA CYS A 69 5.69 14.55 -10.07
C CYS A 69 5.31 13.08 -10.12
N ILE A 70 4.20 12.79 -10.80
CA ILE A 70 3.73 11.45 -10.87
C ILE A 70 2.95 11.21 -12.15
N SER A 71 3.16 10.07 -12.77
CA SER A 71 2.47 9.74 -14.00
C SER A 71 0.95 9.58 -13.76
N GLY A 72 0.17 9.83 -14.81
CA GLY A 72 -1.27 9.86 -14.72
C GLY A 72 -1.90 8.59 -14.27
N GLY A 73 -1.35 7.50 -14.71
CA GLY A 73 -1.79 6.18 -14.40
C GLY A 73 -1.60 5.77 -12.96
N LEU A 74 -0.80 6.51 -12.23
CA LEU A 74 -0.55 6.21 -10.86
C LEU A 74 -1.35 7.09 -9.88
N ALA A 75 -2.03 8.07 -10.44
CA ALA A 75 -2.70 9.02 -9.64
C ALA A 75 -4.10 9.42 -10.08
N ASP A 76 -4.75 8.66 -10.92
CA ASP A 76 -6.09 9.00 -11.37
C ASP A 76 -7.13 9.08 -10.24
N GLN A 77 -6.90 8.36 -9.17
CA GLN A 77 -7.80 8.32 -8.06
C GLN A 77 -7.35 9.09 -6.84
N LEU A 78 -6.46 10.03 -7.02
CA LEU A 78 -5.99 10.89 -5.96
C LEU A 78 -6.35 12.36 -6.20
N ALA A 79 -7.00 12.96 -5.24
CA ALA A 79 -7.22 14.40 -5.27
C ALA A 79 -5.89 15.05 -4.81
N ASP A 80 -5.65 16.30 -5.14
CA ASP A 80 -4.38 16.90 -4.71
C ASP A 80 -4.23 16.92 -3.20
N ALA A 81 -5.35 16.96 -2.51
CA ALA A 81 -5.45 16.98 -1.05
C ALA A 81 -4.82 15.76 -0.46
N GLN A 82 -5.00 14.68 -1.19
CA GLN A 82 -4.50 13.33 -0.88
C GLN A 82 -3.02 13.19 -1.02
N LEU A 83 -2.37 14.24 -1.54
CA LEU A 83 -0.92 14.25 -1.78
C LEU A 83 0.00 14.30 -0.57
N TRP A 84 -0.58 14.48 0.59
CA TRP A 84 0.07 14.43 1.86
C TRP A 84 0.73 13.08 2.12
N PRO A 85 1.89 13.10 2.75
CA PRO A 85 2.41 11.84 3.21
C PRO A 85 1.90 11.90 4.65
N VAL A 86 1.12 10.88 4.98
CA VAL A 86 0.60 10.80 6.31
C VAL A 86 1.72 10.66 7.31
N ARG A 87 2.71 9.82 7.00
CA ARG A 87 3.74 9.43 7.97
C ARG A 87 5.14 9.03 7.48
N LYS A 88 5.98 8.81 8.46
CA LYS A 88 7.33 8.33 8.30
C LYS A 88 7.32 6.86 8.81
N PHE A 89 8.04 5.93 8.18
CA PHE A 89 7.99 4.54 8.70
C PHE A 89 8.58 4.49 10.07
N ASP A 90 7.81 3.98 10.99
CA ASP A 90 8.33 3.85 12.33
C ASP A 90 8.20 2.41 12.77
N PRO A 91 9.33 1.76 13.03
CA PRO A 91 9.38 0.36 13.41
C PRO A 91 9.34 0.07 14.87
N SER A 92 9.37 1.12 15.65
CA SER A 92 9.47 0.95 17.09
C SER A 92 8.35 0.18 17.77
N GLN A 93 7.14 0.42 17.33
CA GLN A 93 6.04 -0.23 17.86
C GLN A 93 5.61 -1.48 17.11
N LEU A 94 6.25 -1.74 15.98
CA LEU A 94 5.89 -2.91 15.18
C LEU A 94 6.02 -4.20 15.93
N ALA A 95 6.92 -4.29 16.88
CA ALA A 95 7.12 -5.49 17.67
C ALA A 95 5.87 -5.91 18.49
N SER A 96 5.01 -4.95 18.75
CA SER A 96 3.79 -5.24 19.45
C SER A 96 2.85 -6.17 18.65
N TRP A 97 2.85 -6.00 17.33
CA TRP A 97 1.96 -6.70 16.41
C TRP A 97 2.57 -7.86 15.57
N TYR A 98 3.89 -7.81 15.45
CA TYR A 98 4.62 -8.81 14.74
C TYR A 98 5.82 -9.32 15.54
N ASP A 99 6.10 -10.57 15.35
CA ASP A 99 7.26 -11.17 15.93
C ASP A 99 8.41 -11.00 14.92
N LEU A 100 9.51 -10.45 15.37
CA LEU A 100 10.62 -10.16 14.50
C LEU A 100 11.77 -11.11 14.81
N ARG A 101 12.21 -11.82 13.79
CA ARG A 101 13.22 -12.79 14.00
C ARG A 101 14.17 -12.97 12.82
N LEU A 102 15.45 -13.08 13.09
CA LEU A 102 16.44 -13.36 12.06
C LEU A 102 16.37 -14.87 11.87
N VAL A 103 16.20 -15.31 10.64
CA VAL A 103 16.08 -16.72 10.39
C VAL A 103 17.15 -17.36 9.50
N GLY A 104 18.06 -16.58 8.99
CA GLY A 104 19.11 -17.07 8.16
C GLY A 104 19.84 -16.02 7.36
N GLU A 105 20.56 -16.48 6.36
CA GLU A 105 21.30 -15.62 5.52
C GLU A 105 20.99 -15.98 4.08
N SER A 106 21.19 -15.04 3.21
CA SER A 106 20.90 -15.31 1.81
C SER A 106 21.79 -14.46 0.95
N ARG A 107 21.67 -14.69 -0.34
CA ARG A 107 22.35 -13.93 -1.32
C ARG A 107 21.31 -13.46 -2.35
N VAL A 108 21.15 -12.17 -2.49
CA VAL A 108 20.21 -11.54 -3.39
C VAL A 108 20.87 -10.43 -4.18
N ALA A 109 20.66 -10.45 -5.49
CA ALA A 109 21.26 -9.46 -6.36
C ALA A 109 22.79 -9.44 -6.23
N GLY A 110 23.35 -10.61 -6.00
CA GLY A 110 24.76 -10.76 -5.87
C GLY A 110 25.37 -10.25 -4.56
N ARG A 111 24.52 -9.95 -3.58
CA ARG A 111 24.92 -9.40 -2.30
C ARG A 111 24.45 -10.25 -1.08
N PRO A 112 25.29 -10.38 -0.07
CA PRO A 112 24.93 -11.14 1.13
C PRO A 112 23.87 -10.39 1.90
N ALA A 113 22.92 -11.12 2.38
CA ALA A 113 21.84 -10.58 3.11
C ALA A 113 21.47 -11.42 4.34
N VAL A 114 20.80 -10.81 5.27
CA VAL A 114 20.26 -11.55 6.38
C VAL A 114 18.74 -11.64 6.15
N VAL A 115 18.14 -12.74 6.54
CA VAL A 115 16.75 -12.97 6.36
C VAL A 115 16.01 -12.75 7.70
N LEU A 116 15.10 -11.83 7.65
CA LEU A 116 14.28 -11.41 8.73
C LEU A 116 12.82 -11.83 8.50
N ALA A 117 12.30 -12.64 9.42
CA ALA A 117 10.95 -13.05 9.38
C ALA A 117 10.11 -12.08 10.21
N VAL A 118 9.07 -11.58 9.59
CA VAL A 118 8.14 -10.69 10.24
C VAL A 118 6.83 -11.46 10.29
N THR A 119 6.57 -12.08 11.40
CA THR A 119 5.46 -12.96 11.60
C THR A 119 4.33 -12.32 12.41
N PRO A 120 3.14 -12.38 11.88
CA PRO A 120 2.03 -11.77 12.59
C PRO A 120 1.82 -12.48 13.93
N ARG A 121 1.48 -11.68 14.92
CA ARG A 121 1.15 -12.16 16.26
C ARG A 121 -0.33 -12.59 16.39
N ASP A 122 -1.03 -12.47 15.29
CA ASP A 122 -2.42 -12.84 15.19
C ASP A 122 -2.81 -13.14 13.75
N GLN A 123 -4.07 -13.44 13.59
CA GLN A 123 -4.61 -13.78 12.30
C GLN A 123 -5.06 -12.63 11.44
N HIS A 124 -4.94 -11.42 11.93
CA HIS A 124 -5.49 -10.24 11.28
C HIS A 124 -4.61 -9.51 10.26
N ARG A 125 -3.44 -10.02 10.03
CA ARG A 125 -2.53 -9.40 9.13
C ARG A 125 -1.58 -10.42 8.50
N TYR A 126 -0.87 -9.97 7.48
CA TYR A 126 0.05 -10.80 6.75
C TYR A 126 1.49 -10.66 7.21
N GLY A 127 2.27 -11.70 7.03
CA GLY A 127 3.67 -11.72 7.38
C GLY A 127 4.58 -11.40 6.18
N PHE A 128 5.83 -11.09 6.47
CA PHE A 128 6.79 -10.78 5.47
C PHE A 128 8.09 -11.58 5.73
N GLU A 129 8.77 -11.93 4.65
CA GLU A 129 10.11 -12.48 4.70
C GLU A 129 10.92 -11.38 4.06
N LEU A 130 11.78 -10.74 4.83
CA LEU A 130 12.58 -9.67 4.34
C LEU A 130 14.06 -10.04 4.26
N HIS A 131 14.69 -9.81 3.14
CA HIS A 131 16.09 -10.06 2.96
C HIS A 131 16.78 -8.69 2.95
N LEU A 132 17.50 -8.39 4.00
CA LEU A 132 18.16 -7.12 4.15
C LEU A 132 19.67 -7.14 3.80
N ASP A 133 20.06 -6.19 2.97
CA ASP A 133 21.41 -6.07 2.55
C ASP A 133 22.34 -5.91 3.76
N ARG A 134 23.36 -6.74 3.81
CA ARG A 134 24.30 -6.64 4.89
C ARG A 134 25.03 -5.30 4.96
N ASP A 135 25.47 -4.83 3.83
CA ASP A 135 26.20 -3.60 3.74
C ASP A 135 25.44 -2.31 4.08
N THR A 136 24.20 -2.24 3.68
CA THR A 136 23.41 -1.07 3.87
C THR A 136 22.11 -1.18 4.66
N GLY A 137 21.58 -2.38 4.84
CA GLY A 137 20.30 -2.55 5.48
C GLY A 137 19.07 -2.39 4.55
N LEU A 138 19.31 -2.09 3.29
CA LEU A 138 18.23 -1.95 2.33
C LEU A 138 17.55 -3.28 2.04
N PRO A 139 16.25 -3.26 1.76
CA PRO A 139 15.55 -4.49 1.48
C PRO A 139 15.78 -5.00 0.05
N LEU A 140 16.57 -6.03 -0.07
CA LEU A 140 16.85 -6.72 -1.35
C LEU A 140 15.68 -7.55 -1.90
N LYS A 141 14.98 -8.18 -1.00
CA LYS A 141 13.84 -8.98 -1.34
C LYS A 141 12.75 -8.89 -0.25
N SER A 142 11.51 -8.80 -0.66
CA SER A 142 10.38 -8.79 0.23
C SER A 142 9.28 -9.73 -0.32
N LEU A 143 8.92 -10.72 0.48
CA LEU A 143 7.90 -11.66 0.18
C LEU A 143 6.75 -11.49 1.18
N LEU A 144 5.57 -11.34 0.65
CA LEU A 144 4.36 -11.23 1.45
C LEU A 144 3.72 -12.60 1.40
N LEU A 145 3.53 -13.13 2.57
CA LEU A 145 2.98 -14.46 2.79
C LEU A 145 1.65 -14.48 3.50
N ASN A 146 0.76 -15.32 3.01
CA ASN A 146 -0.52 -15.45 3.68
C ASN A 146 -0.43 -16.39 4.85
N GLU A 147 -1.57 -16.73 5.42
CA GLU A 147 -1.67 -17.60 6.57
C GLU A 147 -1.13 -18.98 6.35
N LYS A 148 -1.30 -19.46 5.17
CA LYS A 148 -0.86 -20.77 4.82
C LYS A 148 0.59 -20.75 4.39
N GLY A 149 1.22 -19.60 4.45
CA GLY A 149 2.59 -19.48 4.03
C GLY A 149 2.74 -19.35 2.54
N GLN A 150 1.65 -19.19 1.84
CA GLN A 150 1.61 -19.00 0.40
C GLN A 150 2.10 -17.57 -0.01
N LEU A 151 2.78 -17.47 -1.13
CA LEU A 151 3.30 -16.23 -1.62
C LEU A 151 2.25 -15.36 -2.31
N LEU A 152 2.02 -14.17 -1.78
CA LEU A 152 1.10 -13.22 -2.34
C LEU A 152 1.74 -12.20 -3.29
N GLU A 153 2.99 -11.88 -3.00
CA GLU A 153 3.74 -10.97 -3.84
C GLU A 153 5.23 -11.12 -3.61
N ARG A 154 5.97 -10.76 -4.66
CA ARG A 154 7.40 -10.74 -4.65
C ARG A 154 7.96 -9.39 -5.13
N PHE A 155 8.77 -8.80 -4.29
CA PHE A 155 9.49 -7.60 -4.56
C PHE A 155 10.99 -8.04 -4.42
N GLN A 156 11.74 -7.87 -5.49
CA GLN A 156 13.12 -8.26 -5.47
C GLN A 156 14.09 -7.48 -6.39
N PHE A 157 15.14 -6.96 -5.84
CA PHE A 157 16.14 -6.27 -6.61
C PHE A 157 16.88 -7.30 -7.45
N THR A 158 17.18 -6.92 -8.67
CA THR A 158 18.01 -7.76 -9.50
C THR A 158 19.45 -7.20 -9.58
N GLN A 159 19.55 -5.89 -9.42
CA GLN A 159 20.78 -5.18 -9.49
C GLN A 159 20.69 -3.97 -8.54
N LEU A 160 21.72 -3.79 -7.75
CA LEU A 160 21.84 -2.68 -6.84
C LEU A 160 23.26 -2.12 -6.71
N ASN A 161 23.45 -0.89 -7.12
CA ASN A 161 24.71 -0.19 -7.01
C ASN A 161 24.59 0.81 -5.88
N THR A 162 25.26 0.50 -4.80
CA THR A 162 25.27 1.32 -3.60
C THR A 162 26.50 2.22 -3.43
N GLY A 163 26.40 3.14 -2.49
CA GLY A 163 27.43 4.10 -2.25
C GLY A 163 27.36 5.15 -3.31
N ALA A 164 27.43 4.73 -4.55
CA ALA A 164 27.40 5.61 -5.69
C ALA A 164 26.14 6.48 -5.83
N ALA A 165 26.33 7.77 -5.94
CA ALA A 165 25.25 8.67 -6.08
C ALA A 165 24.94 8.84 -7.52
N PRO A 166 23.67 8.76 -7.77
CA PRO A 166 23.12 8.92 -9.10
C PRO A 166 23.38 10.36 -9.56
N ALA A 167 23.66 10.51 -10.82
CA ALA A 167 23.86 11.82 -11.36
C ALA A 167 22.53 12.57 -11.43
N GLU A 168 22.62 13.87 -11.55
CA GLU A 168 21.46 14.72 -11.63
C GLU A 168 20.56 14.39 -12.81
N ASP A 169 21.11 13.98 -13.94
CA ASP A 169 20.37 13.65 -15.15
C ASP A 169 19.42 12.51 -14.89
N GLN A 170 19.88 11.55 -14.14
CA GLN A 170 19.11 10.40 -13.74
C GLN A 170 17.96 10.68 -12.78
N LEU A 171 18.04 11.76 -12.03
CA LEU A 171 16.98 12.09 -11.13
C LEU A 171 15.84 12.85 -11.77
N GLN A 172 16.03 13.25 -12.99
CA GLN A 172 15.06 14.02 -13.72
C GLN A 172 14.03 13.18 -14.40
N ALA A 173 12.80 13.61 -14.29
CA ALA A 173 11.69 12.88 -14.87
C ALA A 173 11.43 13.15 -16.31
N GLY A 174 10.76 12.21 -16.94
CA GLY A 174 10.26 12.35 -18.28
C GLY A 174 8.98 13.19 -18.29
N ALA A 175 8.53 13.56 -19.46
CA ALA A 175 7.32 14.37 -19.60
C ALA A 175 6.06 13.66 -19.14
N GLU A 176 6.08 12.34 -19.11
CA GLU A 176 4.94 11.60 -18.64
C GLU A 176 4.66 11.84 -17.12
N CYS A 177 5.69 12.25 -16.41
CA CYS A 177 5.56 12.51 -14.98
C CYS A 177 4.95 13.89 -14.78
N GLN A 178 3.71 13.94 -14.37
CA GLN A 178 3.01 15.18 -14.15
C GLN A 178 3.34 15.94 -12.88
N VAL A 179 3.70 17.18 -13.04
CA VAL A 179 4.04 18.00 -11.90
C VAL A 179 2.82 18.23 -11.03
N VAL A 180 2.92 17.91 -9.76
CA VAL A 180 1.82 18.05 -8.82
C VAL A 180 2.03 19.01 -7.68
N THR A 190 -13.33 15.95 8.57
CA THR A 190 -13.72 14.79 9.36
C THR A 190 -15.05 14.25 8.91
N VAL A 191 -15.15 12.95 8.91
CA VAL A 191 -16.23 12.21 8.41
C VAL A 191 -17.06 11.68 9.56
N ALA A 192 -18.34 11.52 9.40
CA ALA A 192 -19.24 11.08 10.44
C ALA A 192 -19.41 9.56 10.52
N TRP A 193 -18.30 8.88 10.46
CA TRP A 193 -18.24 7.43 10.46
C TRP A 193 -17.03 6.94 11.19
N ARG A 194 -17.18 5.84 11.90
CA ARG A 194 -16.09 5.26 12.60
C ARG A 194 -16.22 3.71 12.62
N SER A 195 -15.12 3.05 12.92
CA SER A 195 -15.19 1.62 13.06
C SER A 195 -15.32 1.26 14.52
N GLU A 196 -16.19 0.36 14.84
CA GLU A 196 -16.29 -0.11 16.20
C GLU A 196 -15.41 -1.33 16.48
N TRP A 197 -14.61 -1.73 15.49
CA TRP A 197 -13.63 -2.78 15.62
C TRP A 197 -12.45 -2.60 14.68
N LEU A 198 -11.30 -2.68 15.23
CA LEU A 198 -10.08 -2.68 14.50
C LEU A 198 -9.21 -3.81 15.08
N PRO A 199 -8.40 -4.46 14.23
CA PRO A 199 -7.43 -5.43 14.78
C PRO A 199 -6.41 -4.64 15.63
N PRO A 200 -5.74 -5.30 16.56
CA PRO A 200 -4.81 -4.59 17.42
C PRO A 200 -3.72 -3.91 16.60
N GLY A 201 -3.44 -2.70 16.99
CA GLY A 201 -2.40 -1.91 16.39
C GLY A 201 -2.76 -1.12 15.15
N PHE A 202 -3.96 -1.30 14.63
CA PHE A 202 -4.38 -0.48 13.52
C PHE A 202 -4.91 0.83 14.05
N THR A 203 -4.53 1.91 13.42
CA THR A 203 -4.98 3.21 13.83
C THR A 203 -5.41 4.07 12.63
N LEU A 204 -6.32 5.00 12.85
CA LEU A 204 -6.79 5.84 11.76
C LEU A 204 -5.66 6.74 11.27
N THR A 205 -5.38 6.71 9.98
CA THR A 205 -4.34 7.55 9.42
C THR A 205 -4.90 8.74 8.59
N ARG A 206 -6.02 8.56 7.92
CA ARG A 206 -6.69 9.61 7.17
C ARG A 206 -8.19 9.43 7.18
N SER A 207 -8.85 10.55 7.01
CA SER A 207 -10.26 10.68 7.00
C SER A 207 -10.64 11.78 6.02
N PHE A 208 -11.44 11.49 5.03
CA PHE A 208 -11.88 12.49 4.10
C PHE A 208 -13.13 12.07 3.29
N MET A 209 -13.69 13.03 2.58
CA MET A 209 -14.83 12.76 1.74
C MET A 209 -14.46 12.85 0.27
N ARG A 210 -15.01 11.96 -0.48
CA ARG A 210 -14.91 11.99 -1.91
C ARG A 210 -16.33 11.87 -2.51
N ARG A 211 -16.42 12.01 -3.81
CA ARG A 211 -17.69 11.88 -4.47
C ARG A 211 -17.80 10.47 -5.01
N SER A 212 -18.99 9.93 -5.06
CA SER A 212 -19.15 8.62 -5.61
C SER A 212 -18.68 8.69 -7.09
N PRO A 213 -18.12 7.63 -7.61
CA PRO A 213 -17.73 7.63 -9.02
C PRO A 213 -18.93 7.68 -9.95
N VAL A 214 -20.10 7.31 -9.47
CA VAL A 214 -21.22 7.26 -10.38
C VAL A 214 -22.44 8.15 -10.11
N THR A 215 -22.61 8.58 -8.89
CA THR A 215 -23.70 9.45 -8.52
C THR A 215 -23.18 10.70 -7.82
N PRO A 216 -24.06 11.62 -7.55
CA PRO A 216 -23.66 12.86 -6.88
C PRO A 216 -23.37 12.68 -5.39
N ASP A 217 -23.50 11.49 -4.89
CA ASP A 217 -23.35 11.24 -3.47
C ASP A 217 -21.93 11.37 -2.86
N PRO A 218 -21.85 11.87 -1.67
CA PRO A 218 -20.57 11.90 -0.98
C PRO A 218 -20.28 10.49 -0.50
N VAL A 219 -19.02 10.15 -0.52
CA VAL A 219 -18.57 8.89 -0.05
C VAL A 219 -17.48 9.12 1.01
N ALA A 220 -17.67 8.58 2.18
CA ALA A 220 -16.74 8.72 3.27
C ALA A 220 -15.56 7.74 3.09
N CYS A 221 -14.35 8.24 3.33
CA CYS A 221 -13.15 7.48 3.19
C CYS A 221 -12.33 7.53 4.50
N LEU A 222 -11.98 6.37 4.99
CA LEU A 222 -11.18 6.20 6.17
C LEU A 222 -10.00 5.28 5.86
N THR A 223 -8.81 5.63 6.30
CA THR A 223 -7.66 4.80 6.11
C THR A 223 -7.02 4.45 7.41
N TYR A 224 -6.62 3.20 7.52
CA TYR A 224 -6.03 2.66 8.72
C TYR A 224 -4.74 1.92 8.42
N GLY A 225 -3.85 1.96 9.39
CA GLY A 225 -2.58 1.30 9.31
C GLY A 225 -2.01 0.83 10.64
N ASP A 226 -1.21 -0.24 10.60
CA ASP A 226 -0.55 -0.77 11.77
C ASP A 226 0.98 -0.57 11.75
N GLY A 227 1.47 0.13 10.75
CA GLY A 227 2.88 0.38 10.60
C GLY A 227 3.44 -0.36 9.43
N LEU A 228 2.74 -1.38 9.00
CA LEU A 228 3.15 -2.16 7.91
C LEU A 228 2.04 -2.42 6.90
N ALA A 229 0.87 -2.71 7.40
CA ALA A 229 -0.24 -2.99 6.57
C ALA A 229 -1.18 -1.82 6.60
N ARG A 230 -1.96 -1.68 5.54
CA ARG A 230 -2.97 -0.66 5.45
C ARG A 230 -4.30 -1.21 4.84
N PHE A 231 -5.39 -0.59 5.27
CA PHE A 231 -6.65 -0.83 4.67
C PHE A 231 -7.45 0.48 4.66
N SER A 232 -8.26 0.61 3.64
CA SER A 232 -9.11 1.76 3.44
C SER A 232 -10.59 1.33 3.47
N VAL A 233 -11.41 2.20 4.01
CA VAL A 233 -12.82 2.00 4.12
C VAL A 233 -13.59 3.09 3.36
N PHE A 234 -14.60 2.65 2.64
CA PHE A 234 -15.44 3.52 1.87
C PHE A 234 -16.92 3.31 2.28
N ILE A 235 -17.64 4.37 2.58
CA ILE A 235 -19.04 4.24 2.93
C ILE A 235 -19.84 5.08 1.95
N GLU A 236 -20.70 4.39 1.20
CA GLU A 236 -21.50 4.98 0.17
C GLU A 236 -23.01 4.75 0.39
N PRO A 237 -23.82 5.79 0.24
CA PRO A 237 -25.25 5.66 0.48
C PRO A 237 -25.93 4.74 -0.52
N LEU A 238 -26.91 3.97 -0.12
CA LEU A 238 -27.58 3.09 -1.03
C LEU A 238 -28.93 3.64 -1.56
N HIS A 239 -29.45 4.66 -0.89
CA HIS A 239 -30.70 5.29 -1.28
C HIS A 239 -31.80 4.25 -1.38
N GLY A 240 -31.77 3.28 -0.50
CA GLY A 240 -32.75 2.22 -0.46
C GLY A 240 -32.55 1.06 -1.42
N ALA A 241 -31.51 1.09 -2.22
CA ALA A 241 -31.22 0.00 -3.13
C ALA A 241 -30.84 -1.26 -2.37
N MET A 242 -31.35 -2.36 -2.85
CA MET A 242 -31.05 -3.62 -2.26
C MET A 242 -29.87 -4.25 -3.02
N VAL A 243 -28.69 -3.87 -2.63
CA VAL A 243 -27.52 -4.37 -3.25
C VAL A 243 -26.84 -5.28 -2.24
N GLY A 244 -26.44 -6.41 -2.71
CA GLY A 244 -25.79 -7.37 -1.89
C GLY A 244 -24.28 -7.18 -1.77
N ASP A 245 -23.66 -8.14 -1.13
CA ASP A 245 -22.24 -8.09 -0.89
C ASP A 245 -21.41 -8.40 -2.11
N ALA A 246 -20.13 -8.11 -1.98
CA ALA A 246 -19.20 -8.31 -3.05
C ALA A 246 -17.81 -8.58 -2.50
N ARG A 247 -17.03 -9.24 -3.31
CA ARG A 247 -15.70 -9.58 -2.95
C ARG A 247 -14.81 -9.63 -4.18
N SER A 248 -13.56 -9.30 -3.97
CA SER A 248 -12.53 -9.38 -5.00
C SER A 248 -11.15 -9.46 -4.36
N GLN A 249 -10.17 -9.77 -5.17
CA GLN A 249 -8.81 -9.84 -4.73
C GLN A 249 -7.89 -9.56 -5.89
N LEU A 250 -6.86 -8.78 -5.69
CA LEU A 250 -5.89 -8.50 -6.70
C LEU A 250 -4.54 -8.69 -6.01
N GLY A 251 -3.89 -9.81 -6.21
CA GLY A 251 -2.63 -10.10 -5.54
C GLY A 251 -2.84 -10.06 -4.02
N PRO A 252 -2.03 -9.28 -3.31
CA PRO A 252 -2.15 -9.21 -1.86
C PRO A 252 -3.36 -8.34 -1.39
N THR A 253 -4.00 -7.65 -2.30
CA THR A 253 -5.05 -6.74 -1.92
C THR A 253 -6.45 -7.32 -2.04
N VAL A 254 -7.13 -7.37 -0.90
CA VAL A 254 -8.48 -7.85 -0.83
C VAL A 254 -9.49 -6.70 -0.90
N VAL A 255 -10.65 -6.99 -1.43
CA VAL A 255 -11.76 -6.08 -1.48
C VAL A 255 -13.03 -6.82 -0.99
N VAL A 256 -13.71 -6.21 -0.06
CA VAL A 256 -14.93 -6.74 0.48
C VAL A 256 -15.96 -5.60 0.61
N SER A 257 -17.17 -5.83 0.15
CA SER A 257 -18.23 -4.86 0.30
C SER A 257 -19.40 -5.54 1.03
N LYS A 258 -19.92 -4.86 2.04
CA LYS A 258 -21.02 -5.33 2.84
C LYS A 258 -22.08 -4.26 3.04
N ARG A 259 -23.33 -4.62 2.87
CA ARG A 259 -24.44 -3.73 3.13
C ARG A 259 -24.56 -3.47 4.62
N LEU A 260 -24.78 -2.23 5.01
CA LEU A 260 -25.00 -1.84 6.38
C LEU A 260 -26.44 -1.26 6.46
N GLN A 261 -27.30 -1.88 7.25
CA GLN A 261 -28.65 -1.37 7.42
C GLN A 261 -28.55 -0.10 8.29
N THR A 262 -29.17 0.93 7.84
CA THR A 262 -29.18 2.17 8.57
C THR A 262 -30.56 2.83 8.49
N ASP A 263 -30.72 3.90 9.24
CA ASP A 263 -31.96 4.65 9.25
C ASP A 263 -32.02 5.70 8.13
N ASP A 264 -31.01 5.73 7.30
CA ASP A 264 -30.93 6.67 6.20
C ASP A 264 -30.85 6.05 4.80
N GLY A 265 -31.48 4.89 4.67
CA GLY A 265 -31.56 4.14 3.44
C GLY A 265 -30.53 3.05 3.12
N GLY A 266 -29.75 2.70 4.12
CA GLY A 266 -28.71 1.74 3.98
C GLY A 266 -27.40 2.38 3.43
N GLN A 267 -26.28 1.73 3.70
CA GLN A 267 -25.01 2.17 3.19
C GLN A 267 -24.20 0.93 2.70
N MET A 268 -23.36 1.12 1.72
CA MET A 268 -22.48 0.06 1.28
C MET A 268 -21.08 0.37 1.87
N VAL A 269 -20.53 -0.57 2.59
CA VAL A 269 -19.28 -0.37 3.23
C VAL A 269 -18.26 -1.28 2.52
N THR A 270 -17.27 -0.70 1.91
CA THR A 270 -16.19 -1.38 1.19
C THR A 270 -14.86 -1.19 1.93
N VAL A 271 -14.18 -2.30 2.12
CA VAL A 271 -12.90 -2.34 2.74
C VAL A 271 -11.88 -2.94 1.75
N VAL A 272 -10.81 -2.21 1.55
CA VAL A 272 -9.75 -2.58 0.63
C VAL A 272 -8.41 -2.52 1.32
N GLY A 273 -7.64 -3.60 1.21
CA GLY A 273 -6.36 -3.57 1.80
C GLY A 273 -5.56 -4.83 1.70
N GLU A 274 -4.33 -4.70 2.16
CA GLU A 274 -3.40 -5.80 2.14
C GLU A 274 -3.50 -6.52 3.50
N VAL A 275 -4.68 -7.06 3.77
CA VAL A 275 -4.96 -7.80 4.95
C VAL A 275 -5.82 -9.01 4.58
N PRO A 276 -5.83 -10.02 5.52
CA PRO A 276 -6.67 -11.19 5.18
C PRO A 276 -8.17 -10.83 4.96
N LEU A 277 -8.83 -11.67 4.22
CA LEU A 277 -10.22 -11.46 3.87
C LEU A 277 -11.10 -11.34 5.11
N GLY A 278 -10.82 -12.15 6.09
CA GLY A 278 -11.57 -12.12 7.31
C GLY A 278 -11.52 -10.78 8.03
N THR A 279 -10.35 -10.18 8.02
CA THR A 279 -10.13 -8.93 8.66
C THR A 279 -10.92 -7.85 7.99
N ALA A 280 -10.84 -7.83 6.68
CA ALA A 280 -11.57 -6.85 5.93
C ALA A 280 -13.09 -7.00 6.15
N GLU A 281 -13.54 -8.22 6.19
CA GLU A 281 -14.91 -8.52 6.38
C GLU A 281 -15.40 -8.06 7.78
N ARG A 282 -14.65 -8.39 8.80
CA ARG A 282 -14.98 -8.00 10.14
C ARG A 282 -15.02 -6.45 10.27
N VAL A 283 -14.06 -5.78 9.66
CA VAL A 283 -14.04 -4.33 9.70
C VAL A 283 -15.28 -3.75 9.00
N ALA A 284 -15.60 -4.28 7.85
CA ALA A 284 -16.73 -3.81 7.07
C ALA A 284 -18.03 -3.89 7.85
N LEU A 285 -18.19 -4.97 8.59
CA LEU A 285 -19.36 -5.21 9.41
C LEU A 285 -19.41 -4.32 10.67
N SER A 286 -18.27 -3.73 11.00
CA SER A 286 -18.15 -2.94 12.20
C SER A 286 -18.25 -1.42 12.07
N ILE A 287 -18.31 -0.94 10.84
CA ILE A 287 -18.42 0.48 10.55
C ILE A 287 -19.78 0.97 11.04
N ARG A 288 -19.79 2.09 11.72
CA ARG A 288 -21.00 2.69 12.24
C ARG A 288 -21.01 4.20 12.07
N PRO A 289 -22.17 4.78 11.92
CA PRO A 289 -22.27 6.24 11.83
C PRO A 289 -22.10 6.89 13.20
N GLU A 290 -21.56 8.08 13.21
CA GLU A 290 -21.39 8.87 14.40
C GLU A 290 -22.77 9.30 14.88
N ALA A 291 -22.99 9.32 16.17
CA ALA A 291 -24.29 9.73 16.73
C ALA A 291 -24.35 11.06 17.48
N ALA A 292 -25.52 11.66 17.40
CA ALA A 292 -25.80 12.94 17.99
C ALA A 292 -25.54 13.05 19.48
N PRO B 40 -11.05 -5.39 -9.85
CA PRO B 40 -10.93 -6.25 -11.03
C PRO B 40 -12.15 -7.11 -11.21
N GLN B 41 -12.03 -8.42 -11.06
CA GLN B 41 -13.14 -9.29 -11.25
C GLN B 41 -13.99 -9.21 -10.03
N VAL B 42 -15.12 -8.55 -10.16
CA VAL B 42 -16.03 -8.47 -9.06
C VAL B 42 -16.81 -9.74 -8.92
N ILE B 43 -16.86 -10.25 -7.70
CA ILE B 43 -17.57 -11.44 -7.41
C ILE B 43 -18.58 -11.40 -6.24
N THR B 44 -19.80 -11.85 -6.58
CA THR B 44 -20.97 -12.09 -5.71
C THR B 44 -22.17 -12.44 -6.56
N ASN B 45 -23.18 -13.12 -6.02
CA ASN B 45 -24.38 -13.47 -6.83
C ASN B 45 -25.77 -13.59 -6.21
N SER B 46 -26.75 -13.26 -7.06
CA SER B 46 -28.22 -13.40 -6.91
C SER B 46 -29.03 -12.92 -5.68
N SER B 47 -28.94 -11.62 -5.39
CA SER B 47 -29.69 -11.00 -4.31
C SER B 47 -29.89 -9.45 -4.60
N SER B 48 -30.42 -9.07 -5.77
CA SER B 48 -30.73 -7.65 -6.14
C SER B 48 -29.60 -6.63 -6.04
N SER B 49 -28.38 -7.11 -6.16
CA SER B 49 -27.20 -6.41 -5.87
C SER B 49 -26.32 -6.78 -6.99
N ASP B 50 -26.59 -6.15 -8.10
CA ASP B 50 -25.84 -6.42 -9.26
C ASP B 50 -24.36 -6.20 -9.14
N THR B 51 -23.67 -7.05 -9.85
CA THR B 51 -22.28 -6.93 -9.99
C THR B 51 -22.19 -5.59 -10.70
N ARG B 52 -23.20 -5.23 -11.49
CA ARG B 52 -23.13 -4.00 -12.24
C ARG B 52 -22.98 -2.81 -11.34
N TRP B 53 -23.71 -2.81 -10.26
CA TRP B 53 -23.60 -1.74 -9.31
C TRP B 53 -22.17 -1.74 -8.73
N HIS B 54 -21.66 -2.89 -8.38
CA HIS B 54 -20.33 -3.05 -7.84
C HIS B 54 -19.21 -2.77 -8.84
N GLU B 55 -19.46 -3.14 -10.09
CA GLU B 55 -18.49 -2.97 -11.13
C GLU B 55 -18.08 -1.55 -11.39
N GLN B 56 -19.01 -0.64 -11.17
CA GLN B 56 -18.74 0.75 -11.39
C GLN B 56 -17.99 1.42 -10.24
N ARG B 57 -17.92 0.72 -9.12
CA ARG B 57 -17.36 1.25 -7.91
C ARG B 57 -16.10 0.60 -7.35
N LEU B 58 -16.14 -0.70 -7.25
CA LEU B 58 -15.08 -1.45 -6.64
C LEU B 58 -13.71 -1.25 -7.24
N PRO B 59 -13.62 -1.24 -8.54
CA PRO B 59 -12.32 -1.05 -9.19
C PRO B 59 -11.74 0.32 -8.86
N ILE B 60 -12.58 1.32 -8.81
CA ILE B 60 -12.16 2.64 -8.47
C ILE B 60 -11.68 2.75 -7.04
N TYR B 61 -12.42 2.18 -6.12
CA TYR B 61 -12.02 2.23 -4.75
C TYR B 61 -10.68 1.49 -4.54
N LEU B 62 -10.51 0.40 -5.25
CA LEU B 62 -9.30 -0.40 -5.19
C LEU B 62 -8.10 0.44 -5.64
N ARG B 63 -8.29 1.14 -6.73
CA ARG B 63 -7.29 2.01 -7.27
C ARG B 63 -6.95 3.11 -6.31
N GLN B 64 -7.96 3.69 -5.69
CA GLN B 64 -7.72 4.72 -4.78
C GLN B 64 -6.87 4.26 -3.59
N HIS B 65 -7.21 3.14 -3.01
CA HIS B 65 -6.44 2.68 -1.89
C HIS B 65 -4.97 2.43 -2.27
N VAL B 66 -4.75 1.74 -3.38
CA VAL B 66 -3.40 1.45 -3.78
C VAL B 66 -2.56 2.70 -4.13
N GLN B 67 -3.16 3.62 -4.86
CA GLN B 67 -2.49 4.83 -5.26
C GLN B 67 -2.12 5.71 -4.04
N GLN B 68 -3.06 5.80 -3.13
CA GLN B 68 -2.92 6.58 -1.93
C GLN B 68 -1.79 6.06 -1.08
N SER B 69 -1.69 4.75 -0.99
CA SER B 69 -0.63 4.09 -0.27
C SER B 69 0.71 4.44 -0.91
N ALA B 70 0.70 4.58 -2.22
CA ALA B 70 1.87 4.90 -2.95
C ALA B 70 2.45 6.26 -2.65
N VAL B 71 1.59 7.23 -2.39
CA VAL B 71 1.98 8.59 -2.10
C VAL B 71 1.93 8.92 -0.63
N SER B 72 1.77 7.94 0.24
CA SER B 72 1.67 8.20 1.67
C SER B 72 2.95 8.69 2.41
N GLY B 73 4.07 8.83 1.72
CA GLY B 73 5.29 9.30 2.32
C GLY B 73 6.27 8.24 2.78
N THR B 74 5.85 6.98 2.67
CA THR B 74 6.72 5.88 3.08
C THR B 74 7.97 5.86 2.22
N GLU B 75 9.04 5.47 2.83
CA GLU B 75 10.30 5.32 2.21
C GLU B 75 10.27 4.18 1.21
N SER B 76 9.41 3.19 1.42
CA SER B 76 9.36 2.04 0.54
C SER B 76 8.97 2.19 -0.90
N ALA B 77 9.59 1.38 -1.73
CA ALA B 77 9.23 1.36 -3.13
C ALA B 77 8.05 0.41 -3.44
N LEU B 78 7.73 -0.40 -2.46
CA LEU B 78 6.73 -1.40 -2.59
C LEU B 78 5.30 -0.89 -2.90
N PRO B 79 4.85 0.12 -2.19
CA PRO B 79 3.50 0.68 -2.45
C PRO B 79 3.47 1.24 -3.89
N TYR B 80 4.56 1.87 -4.33
CA TYR B 80 4.68 2.38 -5.70
C TYR B 80 4.52 1.20 -6.65
N ALA B 81 5.18 0.11 -6.34
CA ALA B 81 5.18 -1.05 -7.22
C ALA B 81 3.76 -1.61 -7.42
N ARG B 82 3.05 -1.67 -6.32
CA ARG B 82 1.70 -2.18 -6.32
C ARG B 82 0.78 -1.32 -7.21
N ALA B 83 0.91 -0.01 -7.06
CA ALA B 83 0.15 0.94 -7.82
C ALA B 83 0.51 0.81 -9.30
N ALA B 84 1.78 0.65 -9.58
CA ALA B 84 2.24 0.53 -10.97
C ALA B 84 1.72 -0.74 -11.62
N SER B 85 1.50 -1.77 -10.82
CA SER B 85 0.99 -3.04 -11.29
C SER B 85 -0.45 -3.00 -11.80
N LEU B 86 -1.17 -1.94 -11.48
CA LEU B 86 -2.54 -1.77 -11.90
C LEU B 86 -2.66 -1.38 -13.39
#